data_1ME0
#
_entry.id   1ME0
#
_entity_poly.entity_id   1
_entity_poly.type   'polydeoxyribonucleotide/polyribonucleotide hybrid'
_entity_poly.pdbx_seq_one_letter_code
;(DG)(DG)(DA)(DC)UUCG(DG)(DT)(DC)(DC)
;
_entity_poly.pdbx_strand_id   A
#
loop_
_chem_comp.id
_chem_comp.type
_chem_comp.name
_chem_comp.formula
C RNA linking CYTIDINE-5'-MONOPHOSPHATE 'C9 H14 N3 O8 P'
DA DNA linking 2'-DEOXYADENOSINE-5'-MONOPHOSPHATE 'C10 H14 N5 O6 P'
DC DNA linking 2'-DEOXYCYTIDINE-5'-MONOPHOSPHATE 'C9 H14 N3 O7 P'
DG DNA linking 2'-DEOXYGUANOSINE-5'-MONOPHOSPHATE 'C10 H14 N5 O7 P'
DT DNA linking THYMIDINE-5'-MONOPHOSPHATE 'C10 H15 N2 O8 P'
G RNA linking GUANOSINE-5'-MONOPHOSPHATE 'C10 H14 N5 O8 P'
U RNA linking URIDINE-5'-MONOPHOSPHATE 'C9 H13 N2 O9 P'
#